data_4ELD
#
_entry.id   4ELD
#
_cell.length_a   184.583
_cell.length_b   184.583
_cell.length_c   184.583
_cell.angle_alpha   90.00
_cell.angle_beta   90.00
_cell.angle_gamma   90.00
#
_symmetry.space_group_name_H-M   'I 4 3 2'
#
loop_
_entity.id
_entity.type
_entity.pdbx_description
1 polymer 'Small heat shock protein HSP16.5'
2 water water
#
_entity_poly.entity_id   1
_entity_poly.type   'polypeptide(L)'
_entity_poly.pdbx_seq_one_letter_code
;MFGRDPFDSLFERMFKEFFATPMTGTTMIQSSTPLPPAAIESPAVAAGIQISGKGFMPISIIEGDQHIKVIAWLPGVNKE
DIILNAVGDTLEIRAKRSPLMITESERIIYSEIPEEEEIYRTIKLPATVKEENASAKFENGVLSVILPKAESSIKKGINI
E
;
_entity_poly.pdbx_strand_id   A,B
#
# COMPACT_ATOMS: atom_id res chain seq x y z
N VAL A 45 10.77 9.82 -20.03
CA VAL A 45 9.97 10.36 -21.13
C VAL A 45 8.91 11.32 -20.60
N ALA A 46 9.33 12.21 -19.70
CA ALA A 46 8.44 13.08 -18.93
C ALA A 46 7.56 14.06 -19.73
N ALA A 47 6.28 13.71 -19.87
CA ALA A 47 5.32 14.52 -20.61
C ALA A 47 4.61 15.55 -19.74
N GLY A 48 3.52 16.12 -20.26
CA GLY A 48 2.84 17.22 -19.60
C GLY A 48 1.72 16.77 -18.69
N ILE A 49 2.05 16.58 -17.41
CA ILE A 49 1.10 16.05 -16.44
C ILE A 49 0.91 17.00 -15.26
N GLN A 50 -0.17 16.77 -14.52
CA GLN A 50 -0.57 17.68 -13.47
C GLN A 50 -1.34 16.88 -12.42
N ILE A 51 -1.01 17.11 -11.16
CA ILE A 51 -1.56 16.31 -10.08
C ILE A 51 -2.11 17.16 -8.93
N SER A 52 -3.35 16.86 -8.52
CA SER A 52 -4.00 17.56 -7.43
C SER A 52 -4.78 16.57 -6.56
N GLY A 53 -4.87 16.83 -5.26
CA GLY A 53 -5.68 16.00 -4.40
C GLY A 53 -5.31 16.02 -2.93
N LYS A 54 -5.95 15.15 -2.16
CA LYS A 54 -5.79 15.09 -0.72
C LYS A 54 -5.30 13.71 -0.25
N GLY A 55 -4.32 13.70 0.66
CA GLY A 55 -3.93 12.48 1.31
C GLY A 55 -2.84 11.68 0.62
N PHE A 56 -2.42 10.62 1.30
CA PHE A 56 -1.33 9.76 0.83
C PHE A 56 -1.76 8.78 -0.27
N MET A 57 -1.22 8.98 -1.47
CA MET A 57 -1.50 8.10 -2.61
C MET A 57 -0.42 8.21 -3.69
N PRO A 58 0.72 7.53 -3.48
CA PRO A 58 1.80 7.44 -4.47
C PRO A 58 1.29 6.89 -5.79
N ILE A 59 1.83 7.41 -6.88
CA ILE A 59 1.28 7.17 -8.20
C ILE A 59 2.37 7.01 -9.23
N SER A 60 2.18 6.10 -10.17
CA SER A 60 3.03 6.01 -11.35
C SER A 60 2.17 6.15 -12.59
N ILE A 61 2.71 6.80 -13.61
CA ILE A 61 2.05 6.92 -14.89
C ILE A 61 2.91 6.33 -15.99
N ILE A 62 2.33 5.42 -16.73
CA ILE A 62 3.05 4.70 -17.77
C ILE A 62 2.39 4.93 -19.11
N GLU A 63 3.19 5.39 -20.08
CA GLU A 63 2.65 5.68 -21.40
C GLU A 63 3.06 4.63 -22.42
N GLY A 64 2.08 4.14 -23.18
CA GLY A 64 2.34 3.27 -24.31
C GLY A 64 1.85 3.97 -25.57
N ASP A 65 1.92 3.29 -26.71
CA ASP A 65 1.49 3.90 -27.95
C ASP A 65 -0.02 4.07 -28.01
N GLN A 66 -0.75 3.11 -27.46
CA GLN A 66 -2.19 3.12 -27.61
C GLN A 66 -2.96 3.19 -26.29
N HIS A 67 -2.23 3.35 -25.19
CA HIS A 67 -2.87 3.35 -23.89
C HIS A 67 -2.02 4.09 -22.87
N ILE A 68 -2.67 4.44 -21.75
CA ILE A 68 -1.94 4.93 -20.59
C ILE A 68 -2.30 4.06 -19.41
N LYS A 69 -1.30 3.71 -18.61
CA LYS A 69 -1.53 2.93 -17.39
C LYS A 69 -1.26 3.79 -16.16
N VAL A 70 -2.22 3.84 -15.24
CA VAL A 70 -1.97 4.51 -13.97
C VAL A 70 -1.91 3.49 -12.83
N ILE A 71 -0.85 3.58 -12.04
CA ILE A 71 -0.66 2.74 -10.87
C ILE A 71 -0.80 3.58 -9.60
N ALA A 72 -1.68 3.16 -8.69
CA ALA A 72 -1.87 3.87 -7.43
C ALA A 72 -1.77 2.96 -6.22
N TRP A 73 -1.04 3.42 -5.21
CA TRP A 73 -0.97 2.69 -3.94
C TRP A 73 -2.14 3.06 -3.03
N LEU A 74 -2.95 2.06 -2.70
CA LEU A 74 -4.07 2.25 -1.79
C LEU A 74 -4.12 1.18 -0.69
N PRO A 75 -3.01 1.01 0.06
CA PRO A 75 -3.08 -0.01 1.11
C PRO A 75 -4.16 0.29 2.15
N GLY A 76 -4.81 -0.74 2.67
CA GLY A 76 -5.82 -0.55 3.69
C GLY A 76 -7.16 -0.08 3.17
N VAL A 77 -7.28 -0.03 1.84
CA VAL A 77 -8.53 0.37 1.24
C VAL A 77 -9.28 -0.84 0.71
N ASN A 78 -10.56 -0.95 1.03
CA ASN A 78 -11.40 -1.97 0.38
C ASN A 78 -11.77 -1.57 -1.05
N LYS A 79 -11.87 -2.57 -1.91
CA LYS A 79 -12.14 -2.38 -3.34
C LYS A 79 -13.44 -1.62 -3.60
N GLU A 80 -14.47 -1.92 -2.82
CA GLU A 80 -15.76 -1.27 -3.02
C GLU A 80 -15.76 0.17 -2.51
N ASP A 81 -14.69 0.59 -1.84
CA ASP A 81 -14.59 1.98 -1.37
C ASP A 81 -13.73 2.81 -2.30
N ILE A 82 -13.46 2.27 -3.48
CA ILE A 82 -12.72 3.03 -4.46
C ILE A 82 -13.67 3.56 -5.51
N ILE A 83 -13.60 4.86 -5.75
CA ILE A 83 -14.36 5.47 -6.84
C ILE A 83 -13.37 5.85 -7.93
N LEU A 84 -13.68 5.46 -9.15
CA LEU A 84 -12.72 5.57 -10.23
C LEU A 84 -13.43 6.11 -11.49
N ASN A 85 -13.07 7.31 -11.90
CA ASN A 85 -13.71 7.97 -13.01
C ASN A 85 -12.73 8.66 -13.95
N ALA A 86 -13.14 8.87 -15.19
CA ALA A 86 -12.28 9.54 -16.17
C ALA A 86 -13.08 10.18 -17.30
N VAL A 87 -12.53 11.26 -17.85
CA VAL A 87 -13.05 11.86 -19.08
C VAL A 87 -11.97 12.76 -19.66
N GLY A 88 -11.93 12.83 -20.99
CA GLY A 88 -10.89 13.55 -21.71
C GLY A 88 -9.48 13.10 -21.35
N ASP A 89 -8.72 13.98 -20.71
CA ASP A 89 -7.32 13.70 -20.38
C ASP A 89 -7.16 13.63 -18.87
N THR A 90 -8.28 13.41 -18.18
CA THR A 90 -8.31 13.49 -16.74
C THR A 90 -8.85 12.23 -16.04
N LEU A 91 -8.15 11.77 -15.03
CA LEU A 91 -8.55 10.59 -14.25
C LEU A 91 -8.70 10.97 -12.78
N GLU A 92 -9.77 10.49 -12.16
CA GLU A 92 -10.03 10.76 -10.75
C GLU A 92 -9.99 9.46 -9.97
N ILE A 93 -9.21 9.44 -8.89
CA ILE A 93 -9.23 8.30 -7.99
C ILE A 93 -9.71 8.72 -6.61
N ARG A 94 -10.88 8.24 -6.20
CA ARG A 94 -11.40 8.56 -4.87
C ARG A 94 -11.48 7.32 -3.99
N ALA A 95 -10.94 7.42 -2.78
CA ALA A 95 -10.99 6.29 -1.85
C ALA A 95 -11.20 6.72 -0.40
N LYS A 96 -11.83 5.86 0.38
CA LYS A 96 -11.85 6.05 1.83
C LYS A 96 -11.17 4.86 2.53
N ARG A 97 -10.31 5.18 3.50
CA ARG A 97 -9.57 4.16 4.22
C ARG A 97 -10.09 4.08 5.66
N SER A 98 -10.67 2.93 6.05
CA SER A 98 -11.17 2.76 7.43
C SER A 98 -10.00 2.78 8.40
N PRO A 99 -10.15 3.47 9.54
CA PRO A 99 -9.06 3.58 10.51
C PRO A 99 -8.82 2.24 11.21
N LEU A 100 -7.66 2.12 11.86
CA LEU A 100 -7.32 0.93 12.64
C LEU A 100 -8.43 0.70 13.67
N MET A 101 -8.89 -0.53 13.75
CA MET A 101 -10.00 -0.86 14.65
C MET A 101 -9.50 -1.57 15.90
N ILE A 102 -9.47 -0.85 17.02
CA ILE A 102 -9.00 -1.40 18.29
C ILE A 102 -10.15 -1.74 19.24
N THR A 103 -9.92 -2.69 20.13
CA THR A 103 -10.88 -2.98 21.19
C THR A 103 -10.72 -1.97 22.34
N GLU A 104 -11.46 -2.15 23.43
CA GLU A 104 -11.31 -1.25 24.58
C GLU A 104 -10.05 -1.58 25.37
N SER A 105 -9.72 -2.87 25.40
CA SER A 105 -8.50 -3.36 26.04
C SER A 105 -7.23 -2.97 25.27
N GLU A 106 -7.30 -3.00 23.94
CA GLU A 106 -6.19 -2.58 23.07
C GLU A 106 -5.94 -1.06 23.12
N ARG A 107 -4.68 -0.69 22.98
CA ARG A 107 -4.28 0.72 22.80
C ARG A 107 -3.16 0.84 21.75
N ILE A 108 -3.15 1.93 21.00
CA ILE A 108 -2.09 2.16 20.04
C ILE A 108 -0.90 2.81 20.71
N ILE A 109 0.22 2.11 20.73
CA ILE A 109 1.41 2.64 21.38
C ILE A 109 2.42 3.20 20.36
N TYR A 110 2.21 2.88 19.09
CA TYR A 110 3.07 3.40 18.03
C TYR A 110 2.37 3.31 16.69
N SER A 111 2.50 4.34 15.86
CA SER A 111 1.86 4.34 14.54
C SER A 111 2.52 5.30 13.54
N GLU A 112 3.05 4.72 12.47
CA GLU A 112 3.58 5.51 11.35
C GLU A 112 2.48 5.64 10.28
N ILE A 113 1.35 4.99 10.53
CA ILE A 113 0.29 4.87 9.54
C ILE A 113 -0.70 6.03 9.59
N PRO A 114 -0.83 6.75 8.46
CA PRO A 114 -1.72 7.92 8.30
C PRO A 114 -3.15 7.61 8.73
N GLU A 115 -3.80 8.56 9.38
CA GLU A 115 -5.16 8.34 9.84
C GLU A 115 -6.23 9.00 8.94
N GLU A 116 -5.79 9.81 7.96
CA GLU A 116 -6.71 10.47 7.03
C GLU A 116 -7.67 9.43 6.44
N GLU A 117 -8.96 9.62 6.70
CA GLU A 117 -9.99 8.67 6.26
C GLU A 117 -10.33 8.79 4.78
N GLU A 118 -10.34 10.01 4.24
CA GLU A 118 -10.77 10.22 2.86
C GLU A 118 -9.62 10.76 2.02
N ILE A 119 -9.35 10.11 0.89
CA ILE A 119 -8.25 10.50 0.02
C ILE A 119 -8.65 10.52 -1.46
N TYR A 120 -7.98 11.38 -2.22
CA TYR A 120 -8.22 11.48 -3.66
C TYR A 120 -7.07 12.12 -4.45
N ARG A 121 -7.04 11.83 -5.74
CA ARG A 121 -6.12 12.45 -6.67
C ARG A 121 -6.90 12.74 -7.93
N THR A 122 -6.71 13.95 -8.47
CA THR A 122 -7.14 14.24 -9.81
C THR A 122 -5.86 14.34 -10.64
N ILE A 123 -5.82 13.61 -11.75
CA ILE A 123 -4.60 13.44 -12.53
C ILE A 123 -4.78 13.86 -13.99
N LYS A 124 -4.11 14.92 -14.41
CA LYS A 124 -4.11 15.30 -15.82
C LYS A 124 -3.14 14.41 -16.61
N LEU A 125 -3.63 13.77 -17.66
CA LEU A 125 -2.81 12.85 -18.44
C LEU A 125 -2.35 13.48 -19.75
N PRO A 126 -1.20 13.03 -20.28
CA PRO A 126 -0.60 13.60 -21.50
C PRO A 126 -1.36 13.25 -22.78
N ALA A 127 -2.44 12.47 -22.66
CA ALA A 127 -3.25 12.10 -23.81
C ALA A 127 -4.74 12.11 -23.47
N THR A 128 -5.58 12.13 -24.50
CA THR A 128 -7.01 11.99 -24.34
C THR A 128 -7.35 10.51 -24.35
N VAL A 129 -8.09 10.04 -23.35
CA VAL A 129 -8.43 8.63 -23.29
C VAL A 129 -9.86 8.38 -23.69
N LYS A 130 -10.20 7.11 -23.85
CA LYS A 130 -11.57 6.71 -24.06
C LYS A 130 -12.06 5.88 -22.88
N GLU A 131 -12.76 6.58 -21.99
CA GLU A 131 -13.23 6.09 -20.69
C GLU A 131 -14.02 4.78 -20.73
N GLU A 132 -14.93 4.68 -21.69
CA GLU A 132 -15.82 3.55 -21.89
C GLU A 132 -15.07 2.22 -22.06
N ASN A 133 -13.80 2.31 -22.46
CA ASN A 133 -12.99 1.12 -22.75
C ASN A 133 -11.92 0.87 -21.69
N ALA A 134 -11.79 1.77 -20.73
CA ALA A 134 -10.87 1.59 -19.63
C ALA A 134 -11.19 0.34 -18.77
N SER A 135 -10.20 -0.10 -17.99
CA SER A 135 -10.36 -1.22 -17.06
C SER A 135 -9.43 -1.01 -15.86
N ALA A 136 -9.61 -1.82 -14.82
CA ALA A 136 -8.82 -1.68 -13.60
C ALA A 136 -8.78 -2.96 -12.75
N LYS A 137 -7.62 -3.21 -12.13
CA LYS A 137 -7.47 -4.30 -11.17
C LYS A 137 -7.08 -3.72 -9.83
N PHE A 138 -7.38 -4.45 -8.77
CA PHE A 138 -6.94 -4.06 -7.44
C PHE A 138 -6.43 -5.29 -6.70
N GLU A 139 -5.10 -5.42 -6.61
CA GLU A 139 -4.44 -6.53 -5.91
C GLU A 139 -3.42 -5.97 -4.94
N ASN A 140 -3.28 -6.63 -3.79
CA ASN A 140 -2.30 -6.26 -2.78
C ASN A 140 -2.21 -4.76 -2.49
N GLY A 141 -3.35 -4.07 -2.51
CA GLY A 141 -3.41 -2.66 -2.18
C GLY A 141 -2.91 -1.79 -3.31
N VAL A 142 -2.77 -2.36 -4.49
CA VAL A 142 -2.37 -1.57 -5.64
C VAL A 142 -3.45 -1.54 -6.71
N LEU A 143 -3.87 -0.34 -7.07
CA LEU A 143 -4.83 -0.16 -8.15
C LEU A 143 -4.10 0.04 -9.49
N SER A 144 -4.48 -0.71 -10.50
CA SER A 144 -3.87 -0.56 -11.83
C SER A 144 -4.93 -0.24 -12.86
N VAL A 145 -4.91 1.01 -13.34
CA VAL A 145 -5.88 1.45 -14.34
C VAL A 145 -5.27 1.46 -15.74
N ILE A 146 -5.98 0.84 -16.68
CA ILE A 146 -5.60 0.88 -18.09
C ILE A 146 -6.56 1.76 -18.89
N LEU A 147 -6.01 2.81 -19.49
CA LEU A 147 -6.82 3.78 -20.22
C LEU A 147 -6.40 3.81 -21.68
N PRO A 148 -7.19 3.16 -22.54
CA PRO A 148 -6.91 3.22 -23.99
C PRO A 148 -6.93 4.67 -24.47
N LYS A 149 -5.95 5.04 -25.28
CA LYS A 149 -5.91 6.37 -25.87
C LYS A 149 -7.00 6.52 -26.90
N ALA A 150 -7.58 7.72 -26.98
CA ALA A 150 -8.53 8.04 -28.04
C ALA A 150 -7.80 7.99 -29.38
N GLU A 151 -8.49 7.55 -30.45
CA GLU A 151 -7.85 7.42 -31.76
C GLU A 151 -7.12 8.68 -32.21
N SER A 152 -7.59 9.84 -31.76
CA SER A 152 -7.01 11.12 -32.13
C SER A 152 -5.80 11.47 -31.27
N SER A 153 -5.33 10.50 -30.48
CA SER A 153 -4.18 10.68 -29.61
C SER A 153 -3.12 9.61 -29.86
N ILE A 154 -3.45 8.66 -30.74
CA ILE A 154 -2.51 7.61 -31.12
C ILE A 154 -1.68 8.08 -32.30
N LYS A 155 -0.39 7.80 -32.28
CA LYS A 155 0.44 8.08 -33.44
C LYS A 155 0.05 7.18 -34.62
N LYS A 156 -0.49 7.79 -35.66
CA LYS A 156 -0.64 7.11 -36.94
C LYS A 156 0.64 7.34 -37.70
N GLY A 157 1.31 6.25 -38.09
CA GLY A 157 2.49 6.37 -38.92
C GLY A 157 2.13 6.88 -40.30
N ILE A 158 3.07 7.58 -40.93
CA ILE A 158 2.86 8.12 -42.27
C ILE A 158 3.75 7.37 -43.23
N ASN A 159 3.16 6.78 -44.27
CA ASN A 159 3.95 5.98 -45.21
C ASN A 159 4.77 6.81 -46.21
N ILE A 160 6.06 6.49 -46.30
CA ILE A 160 6.95 7.19 -47.21
C ILE A 160 6.91 6.50 -48.57
N GLU A 161 6.40 7.22 -49.55
CA GLU A 161 6.21 6.68 -50.88
C GLU A 161 7.54 6.19 -51.46
N GLY B 48 8.45 0.84 25.48
CA GLY B 48 9.85 0.85 25.05
C GLY B 48 10.07 0.02 23.81
N ILE B 49 10.07 0.68 22.65
CA ILE B 49 10.18 -0.02 21.38
C ILE B 49 11.37 0.47 20.58
N GLN B 50 11.76 -0.33 19.58
CA GLN B 50 12.97 -0.05 18.84
C GLN B 50 12.78 -0.60 17.43
N ILE B 51 13.13 0.20 16.42
CA ILE B 51 12.87 -0.18 15.05
C ILE B 51 14.09 -0.01 14.14
N SER B 52 14.42 -1.08 13.39
CA SER B 52 15.54 -1.05 12.46
C SER B 52 15.14 -1.72 11.15
N GLY B 53 15.73 -1.29 10.05
CA GLY B 53 15.48 -1.97 8.79
C GLY B 53 15.69 -1.13 7.55
N LYS B 54 15.34 -1.72 6.40
CA LYS B 54 15.56 -1.10 5.10
C LYS B 54 14.25 -0.91 4.34
N GLY B 55 14.06 0.27 3.78
CA GLY B 55 12.96 0.50 2.85
C GLY B 55 11.66 0.99 3.45
N PHE B 56 10.69 1.20 2.56
CA PHE B 56 9.41 1.77 2.94
C PHE B 56 8.45 0.73 3.52
N MET B 57 8.15 0.87 4.81
CA MET B 57 7.22 -0.01 5.50
C MET B 57 6.67 0.62 6.77
N PRO B 58 5.68 1.51 6.63
CA PRO B 58 4.97 2.12 7.76
C PRO B 58 4.35 1.05 8.64
N ILE B 59 4.38 1.30 9.94
CA ILE B 59 4.07 0.30 10.93
C ILE B 59 3.25 0.88 12.08
N SER B 60 2.29 0.11 12.59
CA SER B 60 1.61 0.44 13.84
C SER B 60 1.76 -0.72 14.81
N ILE B 61 1.94 -0.37 16.08
CA ILE B 61 2.01 -1.37 17.14
C ILE B 61 0.89 -1.15 18.15
N ILE B 62 0.15 -2.20 18.39
CA ILE B 62 -1.02 -2.13 19.25
C ILE B 62 -0.85 -3.10 20.41
N GLU B 63 -0.97 -2.57 21.62
CA GLU B 63 -0.81 -3.42 22.78
C GLU B 63 -2.16 -3.71 23.45
N GLY B 64 -2.38 -4.97 23.76
CA GLY B 64 -3.51 -5.39 24.58
C GLY B 64 -2.97 -6.05 25.86
N ASP B 65 -3.86 -6.55 26.69
CA ASP B 65 -3.41 -7.19 27.93
C ASP B 65 -2.68 -8.48 27.67
N GLN B 66 -3.13 -9.26 26.69
CA GLN B 66 -2.59 -10.60 26.50
C GLN B 66 -1.95 -10.83 25.15
N HIS B 67 -1.83 -9.77 24.35
CA HIS B 67 -1.31 -9.90 22.99
C HIS B 67 -0.75 -8.58 22.52
N ILE B 68 0.03 -8.65 21.46
CA ILE B 68 0.47 -7.46 20.73
C ILE B 68 0.09 -7.64 19.27
N LYS B 69 -0.43 -6.57 18.66
CA LYS B 69 -0.76 -6.59 17.24
C LYS B 69 0.20 -5.70 16.48
N VAL B 70 0.79 -6.21 15.41
CA VAL B 70 1.60 -5.36 14.56
C VAL B 70 0.94 -5.20 13.18
N ILE B 71 0.77 -3.96 12.74
CA ILE B 71 0.21 -3.66 11.44
C ILE B 71 1.29 -3.10 10.52
N ALA B 72 1.47 -3.70 9.34
CA ALA B 72 2.47 -3.21 8.39
C ALA B 72 1.90 -2.99 6.99
N TRP B 73 2.24 -1.86 6.39
CA TRP B 73 1.87 -1.59 5.01
C TRP B 73 2.87 -2.21 4.04
N LEU B 74 2.37 -3.13 3.22
CA LEU B 74 3.16 -3.77 2.18
C LEU B 74 2.49 -3.76 0.80
N PRO B 75 2.07 -2.56 0.32
CA PRO B 75 1.44 -2.58 -1.00
C PRO B 75 2.37 -3.10 -2.09
N GLY B 76 1.82 -3.84 -3.05
CA GLY B 76 2.58 -4.32 -4.19
C GLY B 76 3.39 -5.56 -3.88
N VAL B 77 3.24 -6.07 -2.67
CA VAL B 77 3.95 -7.28 -2.28
C VAL B 77 3.02 -8.49 -2.36
N ASN B 78 3.50 -9.57 -2.97
CA ASN B 78 2.75 -10.81 -2.94
C ASN B 78 2.91 -11.52 -1.60
N LYS B 79 1.84 -12.18 -1.15
CA LYS B 79 1.79 -12.84 0.14
C LYS B 79 2.92 -13.87 0.33
N GLU B 80 3.22 -14.63 -0.73
CA GLU B 80 4.25 -15.66 -0.61
C GLU B 80 5.65 -15.06 -0.58
N ASP B 81 5.77 -13.76 -0.85
CA ASP B 81 7.08 -13.10 -0.79
C ASP B 81 7.26 -12.37 0.53
N ILE B 82 6.44 -12.70 1.51
CA ILE B 82 6.62 -12.13 2.83
C ILE B 82 7.19 -13.20 3.75
N ILE B 83 8.30 -12.85 4.40
CA ILE B 83 8.87 -13.70 5.43
C ILE B 83 8.56 -13.08 6.79
N LEU B 84 8.06 -13.90 7.69
CA LEU B 84 7.54 -13.39 8.93
C LEU B 84 7.97 -14.29 10.09
N ASN B 85 8.83 -13.75 10.93
CA ASN B 85 9.19 -14.49 12.13
C ASN B 85 9.39 -13.71 13.41
N ALA B 86 9.48 -14.45 14.51
CA ALA B 86 9.53 -13.85 15.82
C ALA B 86 10.16 -14.74 16.85
N VAL B 87 10.81 -14.11 17.82
CA VAL B 87 11.28 -14.79 19.01
C VAL B 87 11.56 -13.76 20.10
N GLY B 88 11.29 -14.15 21.35
CA GLY B 88 11.39 -13.25 22.48
C GLY B 88 10.52 -12.02 22.35
N ASP B 89 11.16 -10.87 22.27
CA ASP B 89 10.45 -9.60 22.19
C ASP B 89 10.67 -8.98 20.82
N THR B 90 11.10 -9.81 19.88
CA THR B 90 11.48 -9.33 18.58
C THR B 90 10.71 -9.95 17.38
N LEU B 91 10.19 -9.10 16.47
CA LEU B 91 9.48 -9.53 15.28
C LEU B 91 10.21 -9.09 14.01
N GLU B 92 10.34 -9.98 13.04
CA GLU B 92 11.03 -9.64 11.80
C GLU B 92 10.03 -9.72 10.66
N ILE B 93 9.97 -8.68 9.85
CA ILE B 93 9.16 -8.71 8.64
C ILE B 93 10.05 -8.53 7.42
N ARG B 94 10.14 -9.57 6.60
CA ARG B 94 10.94 -9.49 5.38
C ARG B 94 10.05 -9.60 4.15
N ALA B 95 10.25 -8.70 3.19
CA ALA B 95 9.46 -8.73 1.98
C ALA B 95 10.26 -8.28 0.74
N LYS B 96 9.92 -8.84 -0.41
CA LYS B 96 10.43 -8.34 -1.69
C LYS B 96 9.27 -7.87 -2.56
N ARG B 97 9.45 -6.68 -3.13
CA ARG B 97 8.42 -6.05 -3.97
C ARG B 97 8.86 -6.02 -5.44
N SER B 98 8.17 -6.78 -6.30
CA SER B 98 8.52 -6.81 -7.72
C SER B 98 8.29 -5.42 -8.32
N PRO B 99 9.23 -4.97 -9.16
CA PRO B 99 9.13 -3.63 -9.77
C PRO B 99 8.02 -3.56 -10.81
N LEU B 100 7.63 -2.35 -11.17
CA LEU B 100 6.61 -2.15 -12.19
C LEU B 100 7.06 -2.85 -13.48
N MET B 101 6.15 -3.62 -14.06
CA MET B 101 6.48 -4.40 -15.24
C MET B 101 5.93 -3.75 -16.52
N ILE B 102 6.82 -3.13 -17.30
CA ILE B 102 6.44 -2.45 -18.54
C ILE B 102 6.78 -3.27 -19.78
N THR B 103 6.06 -3.02 -20.86
CA THR B 103 6.39 -3.62 -22.15
C THR B 103 7.48 -2.77 -22.82
N GLU B 104 7.86 -3.11 -24.04
CA GLU B 104 8.86 -2.32 -24.76
C GLU B 104 8.26 -1.03 -25.30
N SER B 105 6.99 -1.10 -25.68
CA SER B 105 6.23 0.05 -26.13
C SER B 105 5.95 1.03 -24.99
N GLU B 106 5.68 0.49 -23.80
CA GLU B 106 5.41 1.30 -22.61
C GLU B 106 6.66 1.99 -22.07
N ARG B 107 6.49 3.20 -21.54
CA ARG B 107 7.54 3.91 -20.81
C ARG B 107 6.98 4.63 -19.58
N ILE B 108 7.78 4.70 -18.53
CA ILE B 108 7.37 5.39 -17.32
C ILE B 108 7.65 6.88 -17.40
N ILE B 109 6.60 7.68 -17.38
CA ILE B 109 6.76 9.11 -17.53
C ILE B 109 6.66 9.82 -16.20
N TYR B 110 6.13 9.12 -15.19
CA TYR B 110 6.03 9.68 -13.85
C TYR B 110 5.92 8.56 -12.82
N SER B 111 6.59 8.71 -11.68
CA SER B 111 6.52 7.69 -10.62
C SER B 111 6.90 8.22 -9.24
N GLU B 112 5.94 8.17 -8.32
CA GLU B 112 6.16 8.49 -6.92
C GLU B 112 6.45 7.19 -6.17
N ILE B 113 6.39 6.07 -6.89
CA ILE B 113 6.44 4.75 -6.26
C ILE B 113 7.88 4.22 -6.16
N PRO B 114 8.30 3.93 -4.91
CA PRO B 114 9.65 3.44 -4.57
C PRO B 114 10.04 2.22 -5.39
N GLU B 115 11.30 2.15 -5.82
CA GLU B 115 11.74 1.03 -6.64
C GLU B 115 12.51 -0.03 -5.85
N GLU B 116 12.82 0.26 -4.58
CA GLU B 116 13.54 -0.68 -3.72
C GLU B 116 12.89 -2.06 -3.72
N GLU B 117 13.62 -3.06 -4.23
CA GLU B 117 13.06 -4.40 -4.40
C GLU B 117 12.94 -5.17 -3.08
N GLU B 118 13.92 -5.01 -2.20
CA GLU B 118 13.95 -5.80 -0.97
C GLU B 118 13.81 -4.90 0.26
N ILE B 119 12.86 -5.23 1.13
CA ILE B 119 12.56 -4.43 2.31
C ILE B 119 12.36 -5.25 3.58
N TYR B 120 12.74 -4.67 4.71
CA TYR B 120 12.58 -5.35 6.00
C TYR B 120 12.51 -4.40 7.21
N ARG B 121 11.95 -4.92 8.29
CA ARG B 121 11.93 -4.24 9.57
C ARG B 121 12.24 -5.27 10.66
N THR B 122 13.13 -4.92 11.57
CA THR B 122 13.27 -5.67 12.81
C THR B 122 12.68 -4.79 13.89
N ILE B 123 11.74 -5.33 14.65
CA ILE B 123 10.96 -4.55 15.61
C ILE B 123 11.08 -5.12 17.02
N LYS B 124 11.68 -4.35 17.93
CA LYS B 124 11.71 -4.72 19.33
C LYS B 124 10.39 -4.38 20.00
N LEU B 125 9.73 -5.37 20.60
CA LEU B 125 8.41 -5.16 21.22
C LEU B 125 8.50 -5.00 22.75
N PRO B 126 7.52 -4.28 23.35
CA PRO B 126 7.53 -4.00 24.80
C PRO B 126 7.21 -5.23 25.67
N ALA B 127 7.00 -6.39 25.05
CA ALA B 127 6.70 -7.64 25.76
C ALA B 127 7.35 -8.83 25.07
N THR B 128 7.48 -9.92 25.81
CA THR B 128 7.92 -11.19 25.27
C THR B 128 6.71 -11.95 24.73
N VAL B 129 6.81 -12.38 23.47
CA VAL B 129 5.68 -13.05 22.87
C VAL B 129 5.91 -14.55 22.77
N LYS B 130 4.86 -15.27 22.45
CA LYS B 130 4.97 -16.71 22.21
C LYS B 130 4.68 -17.02 20.74
N GLU B 131 5.77 -17.17 20.00
CA GLU B 131 5.82 -17.30 18.53
C GLU B 131 4.92 -18.40 17.93
N GLU B 132 4.94 -19.57 18.56
CA GLU B 132 4.20 -20.75 18.14
C GLU B 132 2.69 -20.48 18.02
N ASN B 133 2.21 -19.46 18.73
CA ASN B 133 0.78 -19.19 18.80
C ASN B 133 0.35 -17.96 17.99
N ALA B 134 1.33 -17.27 17.42
CA ALA B 134 1.08 -16.10 16.59
C ALA B 134 0.29 -16.44 15.32
N SER B 135 -0.30 -15.42 14.70
CA SER B 135 -1.02 -15.58 13.45
C SER B 135 -0.93 -14.28 12.63
N ALA B 136 -1.35 -14.32 11.38
CA ALA B 136 -1.21 -13.17 10.48
C ALA B 136 -2.18 -13.23 9.29
N LYS B 137 -2.70 -12.06 8.91
CA LYS B 137 -3.53 -11.93 7.70
C LYS B 137 -2.84 -10.94 6.77
N PHE B 138 -3.15 -11.05 5.49
CA PHE B 138 -2.64 -10.10 4.52
C PHE B 138 -3.74 -9.76 3.52
N GLU B 139 -4.38 -8.61 3.74
CA GLU B 139 -5.46 -8.11 2.90
C GLU B 139 -5.13 -6.70 2.42
N ASN B 140 -5.52 -6.38 1.19
CA ASN B 140 -5.34 -5.04 0.62
C ASN B 140 -3.96 -4.41 0.88
N GLY B 141 -2.92 -5.23 0.84
CA GLY B 141 -1.56 -4.73 1.02
C GLY B 141 -1.24 -4.43 2.48
N VAL B 142 -2.08 -4.90 3.40
CA VAL B 142 -1.78 -4.68 4.81
C VAL B 142 -1.56 -5.99 5.55
N LEU B 143 -0.40 -6.11 6.19
CA LEU B 143 -0.12 -7.28 7.01
C LEU B 143 -0.55 -7.03 8.47
N SER B 144 -1.28 -7.98 9.05
CA SER B 144 -1.70 -7.84 10.44
C SER B 144 -1.22 -9.04 11.24
N VAL B 145 -0.24 -8.81 12.10
CA VAL B 145 0.30 -9.89 12.93
C VAL B 145 -0.23 -9.82 14.36
N ILE B 146 -0.71 -10.95 14.84
CA ILE B 146 -1.16 -11.06 16.21
C ILE B 146 -0.19 -11.94 17.03
N LEU B 147 0.42 -11.33 18.04
CA LEU B 147 1.40 -12.04 18.85
C LEU B 147 0.94 -12.15 20.30
N PRO B 148 0.44 -13.33 20.68
CA PRO B 148 0.08 -13.57 22.08
C PRO B 148 1.26 -13.33 23.02
N LYS B 149 1.03 -12.62 24.11
CA LYS B 149 2.07 -12.39 25.11
C LYS B 149 2.40 -13.67 25.87
N ALA B 150 3.68 -13.89 26.17
CA ALA B 150 4.09 -14.93 27.14
C ALA B 150 3.51 -14.61 28.52
N GLU B 151 3.32 -15.63 29.35
CA GLU B 151 2.79 -15.41 30.71
C GLU B 151 3.66 -14.48 31.55
N SER B 152 4.97 -14.66 31.44
CA SER B 152 5.93 -13.84 32.16
C SER B 152 5.83 -12.34 31.79
N SER B 153 5.17 -12.04 30.67
CA SER B 153 5.02 -10.64 30.25
C SER B 153 3.60 -10.10 30.46
N ILE B 154 2.71 -10.94 30.98
CA ILE B 154 1.32 -10.55 31.21
C ILE B 154 1.16 -9.91 32.58
N LYS B 155 0.86 -8.62 32.60
CA LYS B 155 0.75 -7.93 33.87
C LYS B 155 -0.50 -8.36 34.63
N LYS B 156 -0.38 -8.50 35.95
CA LYS B 156 -1.52 -8.82 36.79
C LYS B 156 -1.95 -7.56 37.55
N GLY B 157 -3.24 -7.46 37.84
CA GLY B 157 -3.82 -6.29 38.48
C GLY B 157 -3.42 -6.08 39.93
N ILE B 158 -3.39 -4.81 40.33
CA ILE B 158 -3.15 -4.36 41.69
C ILE B 158 -4.34 -3.52 42.12
N ASN B 159 -4.93 -3.86 43.26
CA ASN B 159 -6.14 -3.20 43.69
C ASN B 159 -5.86 -1.92 44.44
N ILE B 160 -6.77 -0.95 44.28
CA ILE B 160 -6.62 0.33 44.95
C ILE B 160 -7.60 0.35 46.10
N GLU B 161 -7.15 0.78 47.26
CA GLU B 161 -7.99 0.70 48.44
C GLU B 161 -9.01 1.84 48.50
#